data_5UZD
#
_entry.id   5UZD
#
loop_
_entity.id
_entity.type
_entity.pdbx_description
1 polymer "DNA (5'-D(*GP*CP*AP*TP*CP*GP*AP*TP*TP*GP*GP*C)-3')"
2 polymer "DNA (5'-D(*GP*CP*CP*AP*AP*TP*CP*GP*AP*TP*GP*C)-3')"
#
loop_
_entity_poly.entity_id
_entity_poly.type
_entity_poly.pdbx_seq_one_letter_code
_entity_poly.pdbx_strand_id
1 'polydeoxyribonucleotide' (DG)(DC)(DA)(DT)(DC)(DG)(DA)(DT)(DT)(DG)(DG)(DC) A
2 'polydeoxyribonucleotide' (DG)(DC)(DC)(DA)(DA)(DT)(DC)(DG)(DA)(DT)(DG)(DC) B
#